data_4H36
#
_entry.id   4H36
#
_cell.length_a   84.580
_cell.length_b   84.580
_cell.length_c   127.060
_cell.angle_alpha   90.00
_cell.angle_beta   90.00
_cell.angle_gamma   120.00
#
_symmetry.space_group_name_H-M   'P 31 2 1'
#
loop_
_entity.id
_entity.type
_entity.pdbx_description
1 polymer 'Mitogen-activated protein kinase 10'
2 polymer 'Cyclic AMP-dependent transcription factor ATF-2'
3 water water
#
loop_
_entity_poly.entity_id
_entity_poly.type
_entity_poly.pdbx_seq_one_letter_code
_entity_poly.pdbx_strand_id
1 'polypeptide(L)'
;DNQFYSVEVGDSTFTVLKRYQNLKPIGSGAQGIVCAAYDAVLDRNVAIKKLSRPFQNQTHAKRAYRELVLMKCVNHKNII
SLLNVFTPQKTLEEFQDVYLVMELMDANLCQVIQMELDHERMSYLLYQMLCGIKHLHSAGIIHRDLKPSNIVVKSDCTLK
ILDFGLARTAGTSFMMTPYVVTRYYRAPEVILGMGYKENVDIWSVGCIMGEMVRHKILFPGRDYIDQWNKVIEQLGTPCP
EFMKKLQPTVRNYVENRPKYAGLTFPKLFPDSLFPADSEHNKLKASQARDLLSKMLVIDPAKRISVDDALQHPYINVWYD
PAEVEAPPPQIYDKQLDEREHTIEEWKELIYKEVMN
;
A
2 'polypeptide(L)' KHEMTLKF B
#
# COMPACT_ATOMS: atom_id res chain seq x y z
N ASP A 1 -21.53 -28.69 6.10
CA ASP A 1 -20.29 -29.04 6.78
C ASP A 1 -20.36 -28.72 8.27
N ASN A 2 -21.54 -28.94 8.85
CA ASN A 2 -21.79 -28.73 10.28
C ASN A 2 -21.62 -27.28 10.74
N GLN A 3 -20.40 -26.78 10.68
CA GLN A 3 -20.12 -25.41 11.11
C GLN A 3 -19.83 -24.50 9.93
N PHE A 4 -19.65 -25.12 8.76
CA PHE A 4 -19.40 -24.38 7.53
C PHE A 4 -20.55 -24.61 6.56
N TYR A 5 -20.50 -23.92 5.43
CA TYR A 5 -21.45 -24.15 4.34
C TYR A 5 -20.85 -23.69 3.02
N SER A 6 -21.16 -24.42 1.95
CA SER A 6 -20.63 -24.11 0.64
C SER A 6 -21.44 -23.03 -0.06
N VAL A 7 -20.78 -22.28 -0.93
CA VAL A 7 -21.42 -21.29 -1.77
C VAL A 7 -20.61 -21.14 -3.07
N GLU A 8 -21.31 -21.15 -4.20
CA GLU A 8 -20.66 -21.11 -5.51
C GLU A 8 -20.37 -19.68 -5.96
N VAL A 9 -19.08 -19.33 -6.04
CA VAL A 9 -18.65 -18.01 -6.47
C VAL A 9 -18.00 -18.11 -7.85
N GLY A 10 -18.76 -17.82 -8.90
CA GLY A 10 -18.29 -18.02 -10.25
C GLY A 10 -17.98 -19.49 -10.48
N ASP A 11 -16.85 -19.76 -11.12
CA ASP A 11 -16.40 -21.13 -11.35
C ASP A 11 -15.71 -21.71 -10.12
N SER A 12 -15.86 -21.04 -8.98
CA SER A 12 -15.18 -21.46 -7.76
C SER A 12 -16.15 -21.70 -6.60
N THR A 13 -15.68 -22.46 -5.61
CA THR A 13 -16.47 -22.76 -4.42
C THR A 13 -15.86 -22.10 -3.19
N PHE A 14 -16.73 -21.52 -2.35
CA PHE A 14 -16.31 -20.93 -1.09
C PHE A 14 -16.96 -21.67 0.07
N THR A 15 -16.18 -22.42 0.84
CA THR A 15 -16.70 -23.04 2.05
C THR A 15 -16.28 -22.19 3.25
N VAL A 16 -17.22 -21.42 3.79
CA VAL A 16 -16.90 -20.45 4.83
C VAL A 16 -17.71 -20.69 6.10
N LEU A 17 -17.34 -19.99 7.16
CA LEU A 17 -18.09 -20.01 8.41
C LEU A 17 -19.52 -19.52 8.17
N LYS A 18 -20.47 -20.09 8.91
CA LYS A 18 -21.89 -19.73 8.78
C LYS A 18 -22.14 -18.26 9.07
N ARG A 19 -21.25 -17.66 9.86
CA ARG A 19 -21.38 -16.26 10.24
C ARG A 19 -21.22 -15.31 9.06
N TYR A 20 -20.67 -15.82 7.96
CA TYR A 20 -20.48 -15.01 6.76
C TYR A 20 -21.52 -15.36 5.70
N GLN A 21 -22.44 -14.43 5.46
CA GLN A 21 -23.51 -14.64 4.49
C GLN A 21 -23.50 -13.57 3.41
N ASN A 22 -24.32 -13.77 2.38
CA ASN A 22 -24.39 -12.86 1.23
C ASN A 22 -23.06 -12.69 0.52
N LEU A 23 -22.36 -13.80 0.34
CA LEU A 23 -21.06 -13.80 -0.33
C LEU A 23 -21.20 -13.38 -1.79
N LYS A 24 -20.34 -12.48 -2.24
CA LYS A 24 -20.33 -12.04 -3.64
C LYS A 24 -18.95 -11.55 -4.09
N PRO A 25 -18.52 -11.99 -5.28
CA PRO A 25 -17.19 -11.68 -5.82
C PRO A 25 -16.99 -10.20 -6.11
N ILE A 26 -15.83 -9.67 -5.72
CA ILE A 26 -15.51 -8.26 -5.95
C ILE A 26 -14.10 -8.09 -6.51
N GLY A 27 -13.35 -9.20 -6.57
CA GLY A 27 -12.01 -9.19 -7.11
C GLY A 27 -11.56 -10.60 -7.44
N SER A 28 -10.57 -10.75 -8.31
CA SER A 28 -10.19 -12.08 -8.77
C SER A 28 -8.77 -12.21 -9.34
N GLY A 29 -7.99 -13.11 -8.75
CA GLY A 29 -6.75 -13.58 -9.32
C GLY A 29 -7.08 -14.74 -10.26
N ALA A 30 -6.13 -15.50 -10.82
CA ALA A 30 -4.66 -15.42 -10.66
C ALA A 30 -4.03 -15.99 -9.38
N GLN A 31 -4.05 -15.25 -8.29
CA GLN A 31 -3.43 -15.74 -7.06
C GLN A 31 -4.44 -15.99 -5.94
N GLY A 32 -5.69 -15.62 -6.19
CA GLY A 32 -6.75 -15.80 -5.21
C GLY A 32 -8.05 -15.15 -5.64
N ILE A 33 -9.10 -15.33 -4.85
CA ILE A 33 -10.38 -14.70 -5.12
C ILE A 33 -10.88 -13.98 -3.86
N VAL A 34 -11.40 -12.77 -4.04
CA VAL A 34 -11.92 -12.01 -2.91
C VAL A 34 -13.44 -11.85 -2.99
N CYS A 35 -14.11 -12.15 -1.89
CA CYS A 35 -15.56 -11.95 -1.80
C CYS A 35 -15.91 -10.93 -0.71
N ALA A 36 -16.84 -10.04 -1.03
CA ALA A 36 -17.44 -9.19 -0.02
C ALA A 36 -18.48 -10.04 0.71
N ALA A 37 -18.57 -9.88 2.02
CA ALA A 37 -19.47 -10.70 2.81
C ALA A 37 -20.03 -9.96 4.02
N TYR A 38 -21.16 -10.43 4.52
CA TYR A 38 -21.73 -9.87 5.75
C TYR A 38 -21.43 -10.76 6.94
N ASP A 39 -20.72 -10.21 7.91
CA ASP A 39 -20.44 -10.93 9.16
C ASP A 39 -21.60 -10.72 10.11
N ALA A 40 -22.37 -11.79 10.33
CA ALA A 40 -23.55 -11.72 11.19
C ALA A 40 -23.18 -11.44 12.64
N VAL A 41 -22.09 -12.07 13.10
CA VAL A 41 -21.63 -11.90 14.47
C VAL A 41 -21.27 -10.45 14.76
N LEU A 42 -20.55 -9.82 13.83
CA LEU A 42 -20.08 -8.46 14.02
C LEU A 42 -21.08 -7.41 13.54
N ASP A 43 -22.07 -7.84 12.77
CA ASP A 43 -22.99 -6.92 12.07
C ASP A 43 -22.15 -5.91 11.29
N ARG A 44 -21.41 -6.42 10.31
CA ARG A 44 -20.35 -5.66 9.68
C ARG A 44 -19.85 -6.37 8.43
N ASN A 45 -19.61 -5.61 7.36
CA ASN A 45 -19.14 -6.18 6.11
C ASN A 45 -17.64 -6.50 6.12
N VAL A 46 -17.29 -7.64 5.55
CA VAL A 46 -15.90 -8.08 5.52
C VAL A 46 -15.46 -8.49 4.12
N ALA A 47 -14.15 -8.57 3.92
CA ALA A 47 -13.60 -9.07 2.67
C ALA A 47 -13.00 -10.46 2.90
N ILE A 48 -13.55 -11.45 2.21
CA ILE A 48 -13.06 -12.83 2.36
C ILE A 48 -12.19 -13.23 1.18
N LYS A 49 -10.90 -13.37 1.44
CA LYS A 49 -9.95 -13.71 0.39
C LYS A 49 -9.51 -15.16 0.48
N LYS A 50 -9.93 -15.96 -0.51
CA LYS A 50 -9.50 -17.34 -0.60
C LYS A 50 -8.26 -17.46 -1.47
N LEU A 51 -7.17 -17.91 -0.88
CA LEU A 51 -5.92 -18.11 -1.61
C LEU A 51 -6.10 -19.19 -2.67
N SER A 52 -5.58 -18.94 -3.86
CA SER A 52 -5.67 -19.90 -4.95
C SER A 52 -4.44 -20.79 -5.04
N ARG A 53 -4.64 -22.09 -4.83
CA ARG A 53 -3.57 -23.08 -4.89
C ARG A 53 -2.33 -22.68 -4.10
N PRO A 54 -2.46 -22.55 -2.76
CA PRO A 54 -1.30 -22.15 -1.96
C PRO A 54 -0.26 -23.26 -1.89
N PHE A 55 -0.66 -24.47 -2.26
CA PHE A 55 0.24 -25.62 -2.19
C PHE A 55 0.57 -26.17 -3.57
N GLN A 56 0.28 -25.38 -4.61
CA GLN A 56 0.58 -25.77 -5.99
C GLN A 56 2.06 -26.08 -6.15
N ASN A 57 2.91 -25.10 -5.80
CA ASN A 57 4.35 -25.31 -5.81
C ASN A 57 5.00 -24.78 -4.54
N GLN A 58 6.27 -25.10 -4.36
CA GLN A 58 7.04 -24.69 -3.19
C GLN A 58 7.04 -23.17 -3.00
N THR A 59 6.97 -22.45 -4.12
CA THR A 59 6.97 -20.99 -4.10
C THR A 59 5.65 -20.43 -3.56
N HIS A 60 4.54 -20.94 -4.08
CA HIS A 60 3.21 -20.55 -3.62
C HIS A 60 3.07 -20.74 -2.12
N ALA A 61 3.55 -21.88 -1.63
CA ALA A 61 3.46 -22.23 -0.22
C ALA A 61 4.19 -21.24 0.67
N LYS A 62 5.36 -20.79 0.21
CA LYS A 62 6.12 -19.80 0.95
C LYS A 62 5.37 -18.48 1.02
N ARG A 63 4.73 -18.10 -0.08
CA ARG A 63 3.94 -16.86 -0.12
C ARG A 63 2.74 -16.93 0.82
N ALA A 64 2.03 -18.06 0.78
CA ALA A 64 0.84 -18.25 1.61
C ALA A 64 1.18 -18.11 3.09
N TYR A 65 2.25 -18.76 3.51
CA TYR A 65 2.71 -18.68 4.89
C TYR A 65 3.21 -17.29 5.23
N ARG A 66 4.00 -16.73 4.32
CA ARG A 66 4.61 -15.41 4.52
C ARG A 66 3.55 -14.32 4.70
N GLU A 67 2.49 -14.39 3.90
CA GLU A 67 1.41 -13.41 4.00
C GLU A 67 0.77 -13.45 5.39
N LEU A 68 0.58 -14.64 5.92
CA LEU A 68 0.04 -14.82 7.26
C LEU A 68 0.94 -14.19 8.32
N VAL A 69 2.24 -14.45 8.20
CA VAL A 69 3.23 -13.94 9.14
C VAL A 69 3.31 -12.41 9.13
N LEU A 70 3.15 -11.82 7.95
CA LEU A 70 3.22 -10.37 7.80
C LEU A 70 2.13 -9.67 8.58
N MET A 71 0.89 -10.09 8.38
CA MET A 71 -0.26 -9.49 9.07
C MET A 71 -0.29 -9.80 10.57
N LYS A 72 0.66 -10.63 11.01
CA LYS A 72 0.86 -10.92 12.43
C LYS A 72 1.61 -9.76 13.08
N CYS A 73 2.44 -9.09 12.27
CA CYS A 73 3.32 -8.03 12.78
C CYS A 73 2.63 -6.67 12.87
N VAL A 74 1.34 -6.65 12.56
CA VAL A 74 0.60 -5.40 12.43
C VAL A 74 -0.61 -5.29 13.35
N ASN A 75 -0.69 -4.19 14.07
CA ASN A 75 -1.87 -3.86 14.87
C ASN A 75 -2.15 -2.35 14.85
N HIS A 76 -2.49 -1.85 13.67
CA HIS A 76 -2.78 -0.42 13.49
C HIS A 76 -4.07 -0.24 12.71
N LYS A 77 -4.77 0.86 12.97
CA LYS A 77 -6.07 1.10 12.34
C LYS A 77 -5.92 1.64 10.92
N ASN A 78 -4.75 2.16 10.58
CA ASN A 78 -4.49 2.67 9.24
C ASN A 78 -3.83 1.63 8.35
N ILE A 79 -3.94 0.37 8.74
CA ILE A 79 -3.42 -0.75 7.97
C ILE A 79 -4.44 -1.88 8.01
N ILE A 80 -4.64 -2.56 6.89
CA ILE A 80 -5.56 -3.70 6.83
C ILE A 80 -5.10 -4.75 7.84
N SER A 81 -6.07 -5.40 8.49
CA SER A 81 -5.76 -6.40 9.51
C SER A 81 -6.55 -7.67 9.28
N LEU A 82 -6.05 -8.76 9.85
CA LEU A 82 -6.70 -10.06 9.70
C LEU A 82 -7.78 -10.24 10.77
N LEU A 83 -9.02 -10.04 10.39
CA LEU A 83 -10.14 -10.20 11.32
C LEU A 83 -10.31 -11.67 11.69
N ASN A 84 -10.00 -12.55 10.74
CA ASN A 84 -10.12 -13.99 10.95
C ASN A 84 -9.48 -14.78 9.82
N VAL A 85 -8.88 -15.91 10.18
CA VAL A 85 -8.36 -16.85 9.19
C VAL A 85 -8.86 -18.25 9.52
N PHE A 86 -9.25 -19.00 8.51
CA PHE A 86 -9.81 -20.34 8.75
C PHE A 86 -9.64 -21.29 7.57
N THR A 87 -9.86 -22.57 7.85
CA THR A 87 -9.89 -23.60 6.83
C THR A 87 -11.09 -24.52 7.08
N PRO A 88 -11.78 -24.92 6.01
CA PRO A 88 -12.98 -25.76 6.14
C PRO A 88 -12.64 -27.23 6.33
N GLN A 89 -11.34 -27.56 6.30
CA GLN A 89 -10.91 -28.94 6.47
C GLN A 89 -10.60 -29.25 7.94
N LYS A 90 -10.79 -30.51 8.31
CA LYS A 90 -10.71 -30.93 9.71
C LYS A 90 -9.33 -31.44 10.14
N THR A 91 -8.58 -32.03 9.21
CA THR A 91 -7.27 -32.56 9.52
C THR A 91 -6.18 -32.02 8.59
N LEU A 92 -4.93 -32.18 9.01
CA LEU A 92 -3.78 -31.71 8.23
C LEU A 92 -3.63 -32.47 6.92
N GLU A 93 -4.11 -33.70 6.90
CA GLU A 93 -3.98 -34.59 5.75
C GLU A 93 -4.78 -34.08 4.56
N GLU A 94 -6.00 -33.63 4.82
CA GLU A 94 -6.91 -33.13 3.78
C GLU A 94 -6.93 -31.60 3.74
N PHE A 95 -6.14 -30.97 4.59
CA PHE A 95 -6.02 -29.52 4.60
C PHE A 95 -5.45 -28.99 3.29
N GLN A 96 -6.16 -28.07 2.64
CA GLN A 96 -5.71 -27.56 1.36
C GLN A 96 -6.18 -26.13 1.05
N ASP A 97 -7.20 -25.67 1.77
CA ASP A 97 -7.77 -24.35 1.51
C ASP A 97 -7.56 -23.40 2.69
N VAL A 98 -7.24 -22.14 2.38
CA VAL A 98 -7.03 -21.13 3.41
C VAL A 98 -7.83 -19.87 3.10
N TYR A 99 -8.59 -19.40 4.08
CA TYR A 99 -9.41 -18.21 3.92
C TYR A 99 -8.98 -17.07 4.85
N LEU A 100 -8.89 -15.86 4.29
CA LEU A 100 -8.46 -14.69 5.03
C LEU A 100 -9.59 -13.64 5.13
N VAL A 101 -10.00 -13.30 6.36
CA VAL A 101 -11.05 -12.29 6.54
C VAL A 101 -10.43 -10.95 6.94
N MET A 102 -10.72 -9.92 6.14
CA MET A 102 -10.22 -8.57 6.42
C MET A 102 -11.37 -7.58 6.43
N GLU A 103 -11.11 -6.38 6.93
CA GLU A 103 -12.11 -5.32 6.90
C GLU A 103 -12.41 -4.95 5.46
N LEU A 104 -13.68 -4.71 5.17
CA LEU A 104 -14.09 -4.31 3.82
C LEU A 104 -14.32 -2.81 3.74
N MET A 105 -13.50 -2.12 2.95
CA MET A 105 -13.64 -0.69 2.76
C MET A 105 -14.58 -0.40 1.60
N ASP A 106 -14.84 0.88 1.35
CA ASP A 106 -15.75 1.27 0.28
C ASP A 106 -15.00 1.57 -1.01
N ALA A 107 -13.72 1.89 -0.89
CA ALA A 107 -13.02 2.50 -2.01
C ALA A 107 -11.51 2.38 -1.90
N ASN A 108 -10.81 2.70 -2.98
CA ASN A 108 -9.38 2.96 -2.93
C ASN A 108 -9.08 4.37 -3.42
N LEU A 109 -7.86 4.84 -3.20
CA LEU A 109 -7.50 6.24 -3.47
C LEU A 109 -7.80 6.74 -4.88
N CYS A 110 -7.87 5.83 -5.86
CA CYS A 110 -8.15 6.19 -7.24
C CYS A 110 -9.44 7.00 -7.38
N GLN A 111 -10.48 6.56 -6.68
CA GLN A 111 -11.78 7.22 -6.69
C GLN A 111 -11.75 8.52 -5.89
N VAL A 112 -10.71 8.69 -5.07
CA VAL A 112 -10.53 9.94 -4.32
C VAL A 112 -9.77 10.94 -5.20
N ILE A 113 -8.85 10.43 -6.01
CA ILE A 113 -8.03 11.23 -6.91
C ILE A 113 -8.83 12.23 -7.72
N GLN A 114 -9.95 11.77 -8.28
CA GLN A 114 -10.79 12.57 -9.16
CA GLN A 114 -10.75 12.61 -9.17
C GLN A 114 -11.66 13.58 -8.42
N MET A 115 -11.74 13.43 -7.10
CA MET A 115 -12.55 14.34 -6.29
C MET A 115 -11.80 15.66 -6.05
N GLU A 116 -12.55 16.72 -5.79
CA GLU A 116 -11.97 18.06 -5.63
C GLU A 116 -11.06 18.15 -4.40
N LEU A 117 -11.62 17.82 -3.25
CA LEU A 117 -10.90 17.79 -1.97
C LEU A 117 -10.44 19.16 -1.46
N ASP A 118 -10.41 19.29 -0.13
CA ASP A 118 -9.89 20.50 0.50
C ASP A 118 -8.71 20.13 1.39
N HIS A 119 -8.16 21.09 2.11
CA HIS A 119 -6.95 20.85 2.89
C HIS A 119 -7.17 19.94 4.10
N GLU A 120 -8.31 20.05 4.75
CA GLU A 120 -8.57 19.24 5.94
C GLU A 120 -8.76 17.75 5.61
N ARG A 121 -9.41 17.45 4.49
CA ARG A 121 -9.60 16.07 4.05
C ARG A 121 -8.32 15.49 3.42
N MET A 122 -7.62 16.33 2.66
CA MET A 122 -6.35 15.95 2.04
C MET A 122 -5.26 15.69 3.08
N SER A 123 -4.96 16.69 3.90
CA SER A 123 -3.94 16.56 4.93
C SER A 123 -4.23 15.46 5.93
N TYR A 124 -5.52 15.18 6.15
CA TYR A 124 -5.91 14.11 7.06
C TYR A 124 -5.60 12.75 6.46
N LEU A 125 -5.96 12.55 5.19
CA LEU A 125 -5.67 11.30 4.49
C LEU A 125 -4.18 11.01 4.51
N LEU A 126 -3.38 12.02 4.16
CA LEU A 126 -1.93 11.91 4.16
C LEU A 126 -1.41 11.57 5.54
N TYR A 127 -2.02 12.15 6.57
CA TYR A 127 -1.65 11.89 7.95
C TYR A 127 -1.83 10.42 8.31
N GLN A 128 -2.98 9.86 7.92
CA GLN A 128 -3.28 8.46 8.14
C GLN A 128 -2.29 7.58 7.38
N MET A 129 -2.04 7.95 6.13
CA MET A 129 -1.06 7.25 5.31
C MET A 129 0.29 7.19 6.00
N LEU A 130 0.75 8.33 6.51
CA LEU A 130 2.02 8.39 7.20
C LEU A 130 1.98 7.61 8.52
N CYS A 131 0.81 7.55 9.15
CA CYS A 131 0.65 6.79 10.38
C CYS A 131 0.76 5.30 10.13
N GLY A 132 0.09 4.82 9.09
CA GLY A 132 0.15 3.42 8.71
C GLY A 132 1.54 3.04 8.22
N ILE A 133 2.17 3.96 7.51
CA ILE A 133 3.50 3.72 6.96
C ILE A 133 4.55 3.61 8.06
N LYS A 134 4.45 4.46 9.06
CA LYS A 134 5.36 4.43 10.20
C LYS A 134 5.24 3.11 10.96
N HIS A 135 4.01 2.66 11.15
CA HIS A 135 3.74 1.40 11.84
C HIS A 135 4.41 0.23 11.13
N LEU A 136 4.28 0.19 9.81
CA LEU A 136 4.93 -0.82 9.00
C LEU A 136 6.43 -0.81 9.20
N HIS A 137 7.02 0.39 9.10
CA HIS A 137 8.47 0.55 9.22
C HIS A 137 8.96 0.11 10.59
N SER A 138 8.13 0.32 11.61
CA SER A 138 8.47 -0.10 12.96
C SER A 138 8.49 -1.62 13.06
N ALA A 139 7.57 -2.26 12.33
CA ALA A 139 7.49 -3.72 12.31
C ALA A 139 8.57 -4.33 11.42
N GLY A 140 9.41 -3.48 10.85
CA GLY A 140 10.47 -3.91 9.98
C GLY A 140 9.96 -4.22 8.58
N ILE A 141 8.95 -3.46 8.16
CA ILE A 141 8.34 -3.66 6.85
C ILE A 141 8.34 -2.39 6.02
N ILE A 142 9.08 -2.41 4.91
CA ILE A 142 9.10 -1.30 3.98
C ILE A 142 8.29 -1.67 2.74
N HIS A 143 7.22 -0.92 2.49
CA HIS A 143 6.25 -1.26 1.45
C HIS A 143 6.85 -1.24 0.03
N ARG A 144 7.41 -0.10 -0.36
CA ARG A 144 8.02 0.11 -1.66
C ARG A 144 7.03 0.18 -2.83
N ASP A 145 5.95 -0.60 -2.74
CA ASP A 145 4.96 -0.66 -3.81
C ASP A 145 3.67 0.11 -3.49
N LEU A 146 3.82 1.24 -2.81
CA LEU A 146 2.67 2.06 -2.42
C LEU A 146 2.03 2.77 -3.63
N LYS A 147 0.76 2.46 -3.90
CA LYS A 147 0.05 3.07 -5.02
C LYS A 147 -1.44 3.22 -4.67
N PRO A 148 -2.14 4.14 -5.35
CA PRO A 148 -3.54 4.46 -5.01
C PRO A 148 -4.50 3.27 -4.96
N SER A 149 -4.16 2.17 -5.62
CA SER A 149 -5.06 1.01 -5.63
C SER A 149 -4.92 0.13 -4.40
N ASN A 150 -3.75 0.17 -3.76
CA ASN A 150 -3.54 -0.60 -2.53
C ASN A 150 -3.72 0.24 -1.27
N ILE A 151 -4.24 1.45 -1.45
CA ILE A 151 -4.62 2.29 -0.33
C ILE A 151 -6.13 2.45 -0.35
N VAL A 152 -6.80 1.91 0.66
CA VAL A 152 -8.26 1.89 0.70
C VAL A 152 -8.85 2.86 1.73
N VAL A 153 -10.03 3.39 1.41
CA VAL A 153 -10.69 4.35 2.28
C VAL A 153 -12.18 4.04 2.45
N LYS A 154 -12.76 4.53 3.53
CA LYS A 154 -14.20 4.45 3.74
C LYS A 154 -14.83 5.83 3.60
N SER A 155 -16.14 5.86 3.42
CA SER A 155 -16.87 7.12 3.21
C SER A 155 -16.70 8.11 4.35
N ASP A 156 -16.35 7.61 5.53
CA ASP A 156 -16.12 8.48 6.69
C ASP A 156 -14.67 8.96 6.74
N CYS A 157 -14.00 8.90 5.60
CA CYS A 157 -12.64 9.44 5.42
C CYS A 157 -11.56 8.69 6.22
N THR A 158 -11.83 7.43 6.57
CA THR A 158 -10.82 6.60 7.21
C THR A 158 -9.96 5.93 6.16
N LEU A 159 -8.71 5.61 6.51
CA LEU A 159 -7.76 5.08 5.54
C LEU A 159 -7.03 3.84 6.05
N LYS A 160 -6.83 2.87 5.16
CA LYS A 160 -6.06 1.67 5.48
C LYS A 160 -5.15 1.30 4.31
N ILE A 161 -4.00 0.70 4.61
CA ILE A 161 -3.03 0.34 3.59
C ILE A 161 -3.01 -1.17 3.33
N LEU A 162 -3.01 -1.55 2.06
CA LEU A 162 -2.98 -2.96 1.66
C LEU A 162 -1.61 -3.39 1.14
N ASP A 163 -1.41 -4.69 1.06
CA ASP A 163 -0.35 -5.30 0.25
C ASP A 163 1.09 -4.92 0.61
N PHE A 164 1.38 -4.80 1.90
CA PHE A 164 2.75 -4.54 2.33
C PHE A 164 3.62 -5.79 2.19
N GLY A 165 4.73 -5.65 1.48
CA GLY A 165 5.69 -6.74 1.34
C GLY A 165 5.16 -7.92 0.55
N LEU A 166 4.27 -7.65 -0.39
CA LEU A 166 3.76 -8.66 -1.29
C LEU A 166 4.28 -8.42 -2.70
N ALA A 167 4.46 -9.49 -3.46
CA ALA A 167 4.82 -9.34 -4.86
C ALA A 167 3.63 -8.74 -5.60
N ARG A 168 3.83 -8.34 -6.84
CA ARG A 168 2.75 -7.68 -7.58
C ARG A 168 2.32 -8.45 -8.82
N THR A 169 1.48 -9.47 -8.67
CA THR A 169 0.90 -9.95 -7.40
C THR A 169 0.39 -11.37 -7.63
N ALA A 170 0.19 -12.25 -6.63
CA ALA A 170 0.44 -12.13 -5.17
C ALA A 170 -0.58 -11.40 -4.28
N GLY A 171 -0.47 -10.08 -4.18
CA GLY A 171 -1.32 -9.29 -3.29
C GLY A 171 -2.78 -9.15 -3.63
N THR A 172 -3.52 -8.47 -2.75
CA THR A 172 -4.96 -8.25 -2.87
C THR A 172 -5.36 -7.23 -3.94
N SER A 173 -4.58 -6.15 -4.06
CA SER A 173 -4.91 -5.04 -4.97
C SER A 173 -5.02 -5.43 -6.44
N PHE A 174 -4.10 -6.27 -6.90
CA PHE A 174 -4.03 -6.67 -8.30
C PHE A 174 -5.26 -7.43 -8.77
N MET A 175 -5.84 -8.22 -7.87
CA MET A 175 -6.96 -9.09 -8.21
C MET A 175 -8.27 -8.32 -8.35
N MET A 176 -8.36 -7.15 -7.73
CA MET A 176 -9.57 -6.34 -7.85
C MET A 176 -9.30 -4.96 -8.43
N THR A 177 -10.07 -4.00 -7.94
CA THR A 177 -9.82 -2.56 -8.12
C THR A 177 -9.92 -2.01 -9.54
N PRO A 178 -10.18 -0.70 -9.63
CA PRO A 178 -9.64 0.04 -10.77
C PRO A 178 -8.13 -0.13 -10.69
N TYR A 179 -7.55 -0.98 -11.51
CA TYR A 179 -6.15 -1.21 -11.28
C TYR A 179 -5.26 -0.19 -11.91
N VAL A 180 -4.14 -0.05 -11.29
CA VAL A 180 -3.03 0.81 -11.72
C VAL A 180 -1.70 0.07 -11.53
N VAL A 181 -0.76 0.31 -12.45
CA VAL A 181 0.57 -0.28 -12.37
C VAL A 181 1.44 0.45 -11.33
N THR A 182 2.35 -0.28 -10.70
CA THR A 182 3.20 0.24 -9.63
C THR A 182 4.36 1.11 -10.15
N ARG A 183 4.64 1.00 -11.44
CA ARG A 183 5.78 1.69 -12.08
C ARG A 183 5.82 3.20 -11.82
N TYR A 184 4.66 3.84 -11.91
CA TYR A 184 4.55 5.29 -11.79
C TYR A 184 5.01 5.82 -10.44
N TYR A 185 4.82 5.01 -9.40
CA TYR A 185 4.98 5.50 -8.03
C TYR A 185 6.24 5.00 -7.33
N ARG A 186 7.06 4.24 -8.05
CA ARG A 186 8.30 3.72 -7.49
C ARG A 186 9.39 4.79 -7.46
N ALA A 187 10.14 4.84 -6.36
CA ALA A 187 11.18 5.84 -6.16
C ALA A 187 12.39 5.60 -7.06
N PRO A 188 13.14 6.67 -7.36
CA PRO A 188 14.37 6.61 -8.17
C PRO A 188 15.33 5.51 -7.73
N GLU A 189 15.66 5.46 -6.44
CA GLU A 189 16.61 4.48 -5.94
C GLU A 189 16.17 3.04 -6.20
N VAL A 190 14.85 2.83 -6.29
CA VAL A 190 14.31 1.52 -6.60
C VAL A 190 14.52 1.19 -8.08
N ILE A 191 14.06 2.09 -8.95
CA ILE A 191 14.11 1.84 -10.38
C ILE A 191 15.53 1.93 -10.94
N LEU A 192 16.38 2.69 -10.26
CA LEU A 192 17.78 2.81 -10.67
C LEU A 192 18.64 1.74 -9.99
N GLY A 193 17.98 0.90 -9.19
CA GLY A 193 18.63 -0.23 -8.55
C GLY A 193 19.78 0.16 -7.62
N MET A 194 19.51 1.07 -6.70
CA MET A 194 20.54 1.55 -5.78
C MET A 194 20.32 0.99 -4.38
N GLY A 195 19.25 0.22 -4.21
CA GLY A 195 18.82 -0.18 -2.89
C GLY A 195 18.05 0.96 -2.27
N TYR A 196 17.33 0.70 -1.18
CA TYR A 196 16.49 1.72 -0.57
C TYR A 196 16.40 1.60 0.94
N LYS A 197 15.66 2.54 1.54
CA LYS A 197 15.43 2.54 2.97
C LYS A 197 13.99 2.93 3.29
N GLU A 198 13.76 3.41 4.50
CA GLU A 198 12.42 3.76 4.96
C GLU A 198 11.73 4.81 4.09
N ASN A 199 12.43 5.90 3.81
CA ASN A 199 11.83 7.02 3.07
C ASN A 199 11.64 6.76 1.58
N VAL A 200 11.63 5.49 1.18
CA VAL A 200 11.34 5.13 -0.19
C VAL A 200 9.82 5.23 -0.41
N ASP A 201 9.08 5.08 0.68
CA ASP A 201 7.63 5.17 0.64
C ASP A 201 7.20 6.62 0.78
N ILE A 202 8.13 7.47 1.20
CA ILE A 202 7.90 8.90 1.25
C ILE A 202 7.77 9.44 -0.17
N TRP A 203 8.58 8.90 -1.07
CA TRP A 203 8.47 9.25 -2.49
C TRP A 203 7.11 8.84 -3.04
N SER A 204 6.72 7.61 -2.74
CA SER A 204 5.45 7.07 -3.20
C SER A 204 4.31 8.00 -2.82
N VAL A 205 4.20 8.28 -1.52
CA VAL A 205 3.21 9.22 -0.99
C VAL A 205 3.27 10.56 -1.71
N GLY A 206 4.49 10.99 -2.04
CA GLY A 206 4.68 12.21 -2.81
C GLY A 206 3.96 12.13 -4.14
N CYS A 207 4.17 11.03 -4.86
CA CYS A 207 3.51 10.81 -6.14
C CYS A 207 1.99 10.74 -6.00
N ILE A 208 1.53 10.21 -4.88
CA ILE A 208 0.10 10.09 -4.62
C ILE A 208 -0.52 11.45 -4.35
N MET A 209 0.17 12.26 -3.55
CA MET A 209 -0.32 13.59 -3.21
C MET A 209 -0.34 14.49 -4.44
N GLY A 210 0.65 14.32 -5.30
CA GLY A 210 0.73 15.07 -6.54
C GLY A 210 -0.43 14.75 -7.45
N GLU A 211 -0.84 13.48 -7.44
CA GLU A 211 -1.96 13.04 -8.26
C GLU A 211 -3.29 13.54 -7.69
N MET A 212 -3.38 13.59 -6.36
CA MET A 212 -4.57 14.11 -5.70
C MET A 212 -4.81 15.57 -6.05
N VAL A 213 -3.71 16.32 -6.18
CA VAL A 213 -3.79 17.74 -6.50
C VAL A 213 -4.04 17.97 -7.99
N ARG A 214 -3.26 17.31 -8.84
CA ARG A 214 -3.35 17.52 -10.28
C ARG A 214 -4.42 16.66 -10.95
N HIS A 215 -5.01 15.74 -10.18
CA HIS A 215 -6.02 14.83 -10.71
C HIS A 215 -5.51 14.06 -11.92
N LYS A 216 -4.19 13.80 -11.91
CA LYS A 216 -3.52 13.12 -13.00
C LYS A 216 -2.19 12.58 -12.53
N ILE A 217 -1.81 11.41 -13.05
CA ILE A 217 -0.55 10.77 -12.70
C ILE A 217 0.64 11.67 -13.03
N LEU A 218 1.54 11.82 -12.08
CA LEU A 218 2.70 12.70 -12.27
C LEU A 218 3.68 12.17 -13.29
N PHE A 219 4.10 10.92 -13.12
CA PHE A 219 5.13 10.35 -13.99
C PHE A 219 4.65 9.09 -14.71
N PRO A 220 3.80 9.25 -15.74
CA PRO A 220 3.30 8.12 -16.50
C PRO A 220 4.33 7.62 -17.51
N GLY A 221 5.28 6.83 -17.05
CA GLY A 221 6.29 6.27 -17.94
C GLY A 221 5.78 5.05 -18.68
N ARG A 222 6.01 5.03 -19.99
CA ARG A 222 5.68 3.86 -20.81
C ARG A 222 6.52 2.68 -20.35
N ASP A 223 7.77 2.96 -20.04
CA ASP A 223 8.65 1.98 -19.40
C ASP A 223 9.52 2.68 -18.36
N TYR A 224 10.49 1.96 -17.80
CA TYR A 224 11.36 2.51 -16.76
C TYR A 224 12.36 3.54 -17.31
N ILE A 225 12.71 3.41 -18.59
CA ILE A 225 13.54 4.43 -19.24
C ILE A 225 12.74 5.72 -19.39
N ASP A 226 11.53 5.60 -19.91
CA ASP A 226 10.63 6.74 -20.05
C ASP A 226 10.28 7.30 -18.68
N GLN A 227 10.11 6.41 -17.71
CA GLN A 227 9.80 6.78 -16.34
C GLN A 227 10.83 7.76 -15.79
N TRP A 228 12.11 7.42 -15.96
CA TRP A 228 13.20 8.24 -15.49
C TRP A 228 13.20 9.62 -16.16
N ASN A 229 12.93 9.64 -17.46
CA ASN A 229 12.82 10.89 -18.20
C ASN A 229 11.77 11.81 -17.59
N LYS A 230 10.56 11.28 -17.42
CA LYS A 230 9.44 12.02 -16.84
C LYS A 230 9.83 12.66 -15.51
N VAL A 231 10.54 11.91 -14.69
CA VAL A 231 10.96 12.38 -13.37
C VAL A 231 11.92 13.57 -13.46
N ILE A 232 12.96 13.42 -14.27
CA ILE A 232 14.01 14.44 -14.35
C ILE A 232 13.61 15.67 -15.16
N GLU A 233 12.69 15.49 -16.11
CA GLU A 233 12.22 16.62 -16.93
C GLU A 233 11.47 17.64 -16.08
N GLN A 234 10.92 17.19 -14.94
CA GLN A 234 10.10 18.04 -14.10
C GLN A 234 10.79 18.43 -12.81
N LEU A 235 11.66 17.56 -12.32
CA LEU A 235 12.35 17.79 -11.05
C LEU A 235 13.82 18.18 -11.23
N GLY A 236 14.30 18.09 -12.47
CA GLY A 236 15.67 18.46 -12.79
C GLY A 236 16.66 17.33 -12.59
N THR A 237 17.85 17.49 -13.15
CA THR A 237 18.92 16.50 -13.02
C THR A 237 19.55 16.57 -11.63
N PRO A 238 19.57 15.44 -10.91
CA PRO A 238 20.08 15.34 -9.54
C PRO A 238 21.56 15.68 -9.44
N CYS A 239 21.97 16.16 -8.27
CA CYS A 239 23.36 16.56 -8.01
C CYS A 239 24.34 15.41 -8.25
N PRO A 240 25.60 15.74 -8.57
CA PRO A 240 26.66 14.74 -8.79
C PRO A 240 26.82 13.78 -7.61
N GLU A 241 26.69 14.29 -6.39
CA GLU A 241 26.83 13.47 -5.19
C GLU A 241 25.86 12.28 -5.18
N PHE A 242 24.73 12.46 -5.86
CA PHE A 242 23.74 11.39 -5.99
C PHE A 242 24.20 10.36 -7.01
N MET A 243 24.54 10.85 -8.19
CA MET A 243 24.85 10.02 -9.35
C MET A 243 26.12 9.18 -9.17
N LYS A 244 27.03 9.65 -8.34
CA LYS A 244 28.25 8.90 -8.01
C LYS A 244 27.91 7.56 -7.35
N LYS A 245 26.75 7.53 -6.70
CA LYS A 245 26.28 6.34 -6.01
C LYS A 245 25.73 5.28 -6.96
N LEU A 246 25.56 5.64 -8.23
CA LEU A 246 24.99 4.72 -9.22
C LEU A 246 25.95 3.62 -9.64
N GLN A 247 25.40 2.52 -10.16
CA GLN A 247 26.20 1.44 -10.73
C GLN A 247 26.92 1.97 -11.97
N PRO A 248 28.09 1.39 -12.30
CA PRO A 248 28.95 1.87 -13.38
C PRO A 248 28.22 2.21 -14.69
N THR A 249 27.64 1.21 -15.35
CA THR A 249 27.03 1.41 -16.65
C THR A 249 25.80 2.31 -16.60
N VAL A 250 24.96 2.12 -15.59
CA VAL A 250 23.76 2.93 -15.47
C VAL A 250 24.12 4.39 -15.17
N ARG A 251 25.18 4.60 -14.38
CA ARG A 251 25.63 5.94 -14.04
C ARG A 251 25.93 6.78 -15.28
N ASN A 252 26.62 6.17 -16.23
CA ASN A 252 26.95 6.84 -17.48
C ASN A 252 25.71 7.21 -18.27
N TYR A 253 24.78 6.27 -18.42
CA TYR A 253 23.52 6.53 -19.10
C TYR A 253 22.79 7.70 -18.48
N VAL A 254 22.78 7.77 -17.15
CA VAL A 254 22.09 8.85 -16.47
C VAL A 254 22.92 10.14 -16.55
N GLU A 255 24.24 10.00 -16.61
CA GLU A 255 25.11 11.15 -16.86
C GLU A 255 25.07 11.51 -18.35
N ASN A 256 24.71 10.53 -19.18
CA ASN A 256 24.54 10.74 -20.63
C ASN A 256 23.28 11.55 -20.92
N ARG A 257 22.37 11.62 -19.94
CA ARG A 257 21.09 12.29 -20.12
C ARG A 257 21.25 13.77 -20.45
N PRO A 258 20.33 14.30 -21.25
CA PRO A 258 20.25 15.74 -21.49
C PRO A 258 19.95 16.43 -20.17
N LYS A 259 20.77 17.40 -19.78
CA LYS A 259 20.58 18.08 -18.50
C LYS A 259 19.31 18.91 -18.49
N TYR A 260 18.25 18.36 -17.92
CA TYR A 260 16.98 19.07 -17.80
C TYR A 260 16.98 19.92 -16.53
N ALA A 261 16.26 21.04 -16.58
CA ALA A 261 16.12 21.91 -15.43
C ALA A 261 14.77 21.68 -14.77
N GLY A 262 14.78 21.54 -13.44
CA GLY A 262 13.56 21.27 -12.71
C GLY A 262 12.60 22.44 -12.70
N LEU A 263 11.34 22.15 -12.99
CA LEU A 263 10.28 23.14 -12.81
C LEU A 263 10.21 23.43 -11.31
N THR A 264 9.81 24.65 -10.96
CA THR A 264 9.61 25.02 -9.55
C THR A 264 8.29 24.44 -9.04
N PHE A 265 8.27 23.97 -7.80
CA PHE A 265 7.05 23.39 -7.23
C PHE A 265 5.78 24.27 -7.32
N PRO A 266 5.93 25.61 -7.20
CA PRO A 266 4.77 26.45 -7.55
C PRO A 266 4.34 26.30 -9.01
N LYS A 267 5.24 25.90 -9.90
CA LYS A 267 4.90 25.69 -11.31
C LYS A 267 4.24 24.33 -11.52
N LEU A 268 4.82 23.29 -10.93
CA LEU A 268 4.24 21.94 -11.01
C LEU A 268 2.85 21.93 -10.40
N PHE A 269 2.71 22.58 -9.25
CA PHE A 269 1.43 22.66 -8.57
C PHE A 269 1.01 24.11 -8.35
N PRO A 270 0.48 24.74 -9.41
CA PRO A 270 0.00 26.13 -9.28
C PRO A 270 -1.19 26.21 -8.33
N ASP A 271 -1.36 27.37 -7.69
CA ASP A 271 -2.46 27.59 -6.76
C ASP A 271 -3.83 27.43 -7.41
N SER A 272 -3.85 27.46 -8.74
CA SER A 272 -5.06 27.15 -9.52
C SER A 272 -5.67 25.82 -9.08
N LEU A 273 -4.83 24.80 -8.96
CA LEU A 273 -5.26 23.46 -8.55
C LEU A 273 -5.60 23.41 -7.06
N PHE A 274 -5.13 24.41 -6.31
CA PHE A 274 -5.42 24.52 -4.90
C PHE A 274 -6.66 25.40 -4.68
N PRO A 275 -7.22 25.41 -3.45
CA PRO A 275 -8.30 26.38 -3.20
C PRO A 275 -7.76 27.77 -2.88
N GLU A 279 -7.63 34.48 1.63
CA GLU A 279 -8.27 33.61 2.62
CA GLU A 279 -8.27 33.64 2.64
C GLU A 279 -7.23 32.98 3.55
N HIS A 280 -7.60 32.77 4.81
CA HIS A 280 -6.75 32.11 5.77
C HIS A 280 -6.33 30.74 5.24
N ASN A 281 -7.28 30.02 4.64
CA ASN A 281 -6.98 28.78 3.95
C ASN A 281 -6.34 29.02 2.57
N LYS A 282 -5.21 29.72 2.59
CA LYS A 282 -4.32 29.87 1.45
C LYS A 282 -2.92 29.77 2.00
N LEU A 283 -2.84 29.82 3.33
CA LEU A 283 -1.63 29.52 4.08
C LEU A 283 -1.39 28.03 3.90
N LYS A 284 -2.48 27.28 3.77
CA LYS A 284 -2.43 25.84 3.56
C LYS A 284 -1.80 25.47 2.24
N ALA A 285 -2.17 26.19 1.17
CA ALA A 285 -1.63 25.95 -0.15
C ALA A 285 -0.12 26.10 -0.14
N SER A 286 0.36 27.04 0.66
CA SER A 286 1.79 27.20 0.91
C SER A 286 2.32 26.00 1.67
N GLN A 287 1.66 25.67 2.78
CA GLN A 287 2.04 24.51 3.59
C GLN A 287 2.10 23.23 2.77
N ALA A 288 1.07 23.01 1.95
CA ALA A 288 0.98 21.79 1.15
C ALA A 288 2.10 21.72 0.10
N ARG A 289 2.21 22.76 -0.71
CA ARG A 289 3.21 22.81 -1.78
C ARG A 289 4.62 22.62 -1.23
N ASP A 290 4.88 23.23 -0.07
CA ASP A 290 6.15 23.10 0.62
C ASP A 290 6.45 21.63 0.90
N LEU A 291 5.52 20.95 1.57
CA LEU A 291 5.64 19.54 1.90
C LEU A 291 5.97 18.69 0.68
N LEU A 292 5.27 18.96 -0.43
CA LEU A 292 5.50 18.24 -1.68
C LEU A 292 6.94 18.39 -2.17
N SER A 293 7.55 19.53 -1.86
CA SER A 293 8.92 19.80 -2.28
C SER A 293 9.92 19.01 -1.45
N LYS A 294 9.47 18.47 -0.32
CA LYS A 294 10.33 17.66 0.54
C LYS A 294 10.16 16.17 0.27
N MET A 295 8.97 15.79 -0.18
CA MET A 295 8.68 14.38 -0.44
C MET A 295 9.10 13.97 -1.85
N LEU A 296 8.83 14.85 -2.82
CA LEU A 296 9.20 14.59 -4.21
C LEU A 296 10.65 14.97 -4.48
N VAL A 297 11.55 14.42 -3.67
CA VAL A 297 12.98 14.63 -3.85
C VAL A 297 13.59 13.36 -4.44
N ILE A 298 14.51 13.54 -5.40
CA ILE A 298 15.14 12.42 -6.07
C ILE A 298 16.16 11.71 -5.17
N ASP A 299 17.04 12.49 -4.55
CA ASP A 299 18.06 11.93 -3.66
C ASP A 299 17.43 11.52 -2.33
N PRO A 300 17.51 10.22 -2.01
CA PRO A 300 16.95 9.66 -0.77
C PRO A 300 17.54 10.31 0.47
N ALA A 301 18.78 10.78 0.37
CA ALA A 301 19.43 11.46 1.49
C ALA A 301 18.85 12.85 1.72
N LYS A 302 18.34 13.47 0.65
CA LYS A 302 17.78 14.81 0.74
C LYS A 302 16.26 14.76 0.82
N ARG A 303 15.71 13.57 1.03
CA ARG A 303 14.26 13.42 1.09
C ARG A 303 13.77 13.51 2.53
N ILE A 304 12.53 13.97 2.70
CA ILE A 304 11.96 14.11 4.04
C ILE A 304 11.65 12.73 4.65
N SER A 305 11.87 12.60 5.95
CA SER A 305 11.56 11.36 6.66
C SER A 305 10.07 11.24 6.98
N VAL A 306 9.64 10.02 7.35
CA VAL A 306 8.27 9.79 7.77
C VAL A 306 7.98 10.62 9.01
N ASP A 307 8.87 10.54 10.00
CA ASP A 307 8.76 11.31 11.23
C ASP A 307 8.60 12.81 10.99
N ASP A 308 9.50 13.38 10.19
CA ASP A 308 9.46 14.80 9.87
C ASP A 308 8.17 15.18 9.14
N ALA A 309 7.73 14.30 8.24
CA ALA A 309 6.49 14.51 7.50
C ALA A 309 5.30 14.60 8.44
N LEU A 310 5.32 13.81 9.51
CA LEU A 310 4.32 13.91 10.56
C LEU A 310 4.39 15.27 11.25
N GLN A 311 5.59 15.82 11.35
CA GLN A 311 5.81 17.07 12.05
C GLN A 311 5.56 18.28 11.15
N HIS A 312 5.32 18.05 9.87
CA HIS A 312 5.12 19.12 8.93
C HIS A 312 3.80 19.85 9.19
N PRO A 313 3.84 21.19 9.19
CA PRO A 313 2.69 22.08 9.44
C PRO A 313 1.42 21.69 8.70
N TYR A 314 1.56 21.18 7.48
CA TYR A 314 0.40 20.76 6.71
C TYR A 314 -0.21 19.47 7.26
N ILE A 315 0.61 18.67 7.94
CA ILE A 315 0.14 17.41 8.51
C ILE A 315 0.00 17.52 10.02
N ASN A 316 0.88 18.30 10.64
CA ASN A 316 0.99 18.39 12.10
C ASN A 316 -0.31 18.67 12.86
N VAL A 317 -1.28 19.27 12.17
CA VAL A 317 -2.55 19.63 12.79
C VAL A 317 -3.31 18.41 13.33
N TRP A 318 -2.93 17.23 12.84
CA TRP A 318 -3.62 15.99 13.19
C TRP A 318 -2.88 15.16 14.22
N TYR A 319 -1.69 15.62 14.63
CA TYR A 319 -0.81 14.79 15.46
C TYR A 319 -1.46 14.25 16.71
N ASP A 320 -1.50 12.92 16.80
CA ASP A 320 -2.05 12.22 17.94
C ASP A 320 -1.09 11.09 18.29
N PRO A 321 -0.34 11.25 19.40
CA PRO A 321 0.70 10.31 19.81
C PRO A 321 0.21 8.86 19.90
N ALA A 322 -1.08 8.68 20.21
CA ALA A 322 -1.65 7.34 20.25
C ALA A 322 -1.71 6.74 18.85
N GLU A 323 -1.97 7.59 17.86
CA GLU A 323 -2.06 7.15 16.47
C GLU A 323 -0.69 7.01 15.84
N VAL A 324 0.28 7.76 16.35
CA VAL A 324 1.61 7.83 15.74
C VAL A 324 2.62 6.90 16.42
N GLU A 325 2.45 6.66 17.72
CA GLU A 325 3.43 5.89 18.48
C GLU A 325 3.00 4.45 18.78
N ALA A 326 1.83 4.07 18.28
CA ALA A 326 1.32 2.71 18.52
C ALA A 326 2.30 1.65 18.01
N PRO A 327 2.89 0.88 18.94
CA PRO A 327 3.91 -0.11 18.58
C PRO A 327 3.31 -1.34 17.91
N PRO A 328 4.06 -1.94 16.97
CA PRO A 328 3.61 -3.17 16.33
C PRO A 328 3.69 -4.33 17.31
N PRO A 329 2.76 -5.29 17.22
CA PRO A 329 2.75 -6.44 18.13
C PRO A 329 3.98 -7.32 17.94
N GLN A 330 4.65 -7.16 16.80
CA GLN A 330 5.74 -8.05 16.43
C GLN A 330 6.57 -7.45 15.28
N ILE A 331 7.85 -7.80 15.23
CA ILE A 331 8.74 -7.34 14.17
C ILE A 331 9.09 -8.47 13.20
N TYR A 332 8.87 -8.23 11.91
CA TYR A 332 9.11 -9.22 10.87
C TYR A 332 10.57 -9.60 10.76
N ASP A 333 10.87 -10.87 11.04
CA ASP A 333 12.22 -11.40 10.89
C ASP A 333 12.51 -11.71 9.43
N LYS A 334 13.39 -10.92 8.82
CA LYS A 334 13.71 -11.04 7.41
C LYS A 334 14.47 -12.34 7.08
N GLN A 335 14.97 -13.01 8.12
CA GLN A 335 15.67 -14.28 7.94
C GLN A 335 14.70 -15.39 7.56
N LEU A 336 13.44 -15.02 7.33
CA LEU A 336 12.41 -15.95 6.88
C LEU A 336 12.44 -16.08 5.36
N ASP A 337 12.67 -14.96 4.68
CA ASP A 337 12.70 -14.90 3.22
C ASP A 337 13.70 -15.88 2.62
N GLU A 338 14.80 -16.12 3.35
CA GLU A 338 15.86 -16.99 2.87
C GLU A 338 15.72 -18.42 3.38
N ARG A 339 14.72 -18.66 4.23
CA ARG A 339 14.38 -19.98 4.75
C ARG A 339 13.76 -20.79 3.65
N GLU A 340 13.99 -22.09 3.64
CA GLU A 340 13.33 -22.96 2.67
CA GLU A 340 13.32 -22.95 2.67
C GLU A 340 12.74 -24.21 3.31
N HIS A 341 11.62 -24.67 2.75
CA HIS A 341 10.94 -25.87 3.21
C HIS A 341 10.31 -26.59 2.03
N THR A 342 9.93 -27.84 2.23
CA THR A 342 9.17 -28.58 1.22
C THR A 342 7.71 -28.11 1.29
N ILE A 343 6.94 -28.46 0.27
CA ILE A 343 5.53 -28.06 0.21
C ILE A 343 4.76 -28.58 1.43
N GLU A 344 5.02 -29.83 1.80
CA GLU A 344 4.34 -30.44 2.93
C GLU A 344 4.72 -29.77 4.24
N GLU A 345 6.01 -29.47 4.40
CA GLU A 345 6.51 -28.77 5.58
C GLU A 345 5.89 -27.37 5.68
N TRP A 346 5.86 -26.67 4.56
CA TRP A 346 5.20 -25.38 4.49
C TRP A 346 3.73 -25.51 4.87
N LYS A 347 3.09 -26.57 4.38
CA LYS A 347 1.66 -26.79 4.60
C LYS A 347 1.32 -26.85 6.09
N GLU A 348 2.24 -27.40 6.88
CA GLU A 348 2.07 -27.55 8.33
C GLU A 348 2.20 -26.21 9.05
N LEU A 349 3.30 -25.50 8.78
CA LEU A 349 3.57 -24.19 9.37
C LEU A 349 2.38 -23.26 9.17
N ILE A 350 1.78 -23.32 7.98
CA ILE A 350 0.57 -22.59 7.68
C ILE A 350 -0.59 -23.14 8.51
N TYR A 351 -0.73 -24.46 8.55
CA TYR A 351 -1.84 -25.10 9.24
C TYR A 351 -1.91 -24.74 10.72
N LYS A 352 -0.76 -24.80 11.39
CA LYS A 352 -0.67 -24.44 12.80
C LYS A 352 -1.08 -22.98 13.00
N GLU A 353 -0.63 -22.11 12.10
CA GLU A 353 -0.97 -20.69 12.16
C GLU A 353 -2.47 -20.46 12.07
N VAL A 354 -3.14 -21.26 11.24
CA VAL A 354 -4.58 -21.17 11.09
C VAL A 354 -5.29 -21.62 12.37
N MET A 355 -4.87 -22.78 12.89
CA MET A 355 -5.49 -23.33 14.10
C MET A 355 -5.18 -22.50 15.34
N ASN A 356 -4.16 -21.65 15.25
CA ASN A 356 -3.83 -20.73 16.32
C ASN A 356 -4.98 -19.77 16.61
N LYS B 1 -11.17 18.13 13.93
CA LYS B 1 -12.49 17.65 14.32
C LYS B 1 -12.60 16.13 14.25
N HIS B 2 -12.20 15.57 13.10
CA HIS B 2 -12.20 14.13 12.80
C HIS B 2 -13.50 13.56 12.23
N GLU B 3 -14.56 14.37 12.23
CA GLU B 3 -15.84 13.89 11.69
C GLU B 3 -16.11 14.43 10.29
N MET B 4 -15.20 14.12 9.36
CA MET B 4 -15.35 14.53 7.97
C MET B 4 -15.92 13.39 7.14
N THR B 5 -16.34 13.71 5.92
CA THR B 5 -16.98 12.73 5.04
C THR B 5 -16.32 12.78 3.66
N LEU B 6 -16.69 11.84 2.80
CA LEU B 6 -16.35 11.89 1.38
C LEU B 6 -17.25 10.94 0.59
N LYS B 7 -17.84 11.45 -0.50
CA LYS B 7 -18.82 10.69 -1.25
C LYS B 7 -18.28 10.18 -2.58
N PHE B 8 -18.80 9.03 -3.01
CA PHE B 8 -18.41 8.43 -4.28
C PHE B 8 -19.58 8.44 -5.25
#